data_7RG6
#
_entry.id   7RG6
#
_cell.length_a   78.692
_cell.length_b   90.310
_cell.length_c   100.000
_cell.angle_alpha   90.000
_cell.angle_beta   90.000
_cell.angle_gamma   90.000
#
_symmetry.space_group_name_H-M   'P 21 21 21'
#
loop_
_entity.id
_entity.type
_entity.pdbx_description
1 polymer 'Importin subunit alpha-1'
2 polymer 'Non-structural protein ORF4b'
3 water water
#
loop_
_entity_poly.entity_id
_entity_poly.type
_entity_poly.pdbx_seq_one_letter_code
_entity_poly.pdbx_strand_id
1 'polypeptide(L)'
;MHHHHHHSSGLVPRGSGMLETAAALFERNHMDSPDLGTDDDDLAMADIGSNQGTVNWSVEDIVKGINSNNLESQLQATQA
ARKLLSREKQPPIDNIIRAGLIPKFVSFLGKTDCSPIQFESAWALTNIASGTSEQTKAVVDGGAIPAFISLLASPHAHIS
EQAVWALGNIAGDGSAFRDLVIKHGAIDPLLALLAVPDLSTLACGYLRNLTWTLSNLCRNKNPAPPLDAVEQILPTLVRL
LHHNDPEVLADSCWAISYLTDGPNERIEMVVKKGVVPQLVKLLGATELPIVTPALRAIGNIVTGTDEQTQKVIDAGALAV
FPSLLTNPKTNIQKEATWTMSNITAGRQDQIQQVVNHGLVPFLVGVLSKADFKTQKEAAWAITNYTSGGTVEQIVYLVHC
GIIEPLMNLLSAKDTKIIQVILDAISNIFQAAEKLGETEKLSIMIEECGGLDKIEALQRHENESVYKASLNLIEKYFSVE
EEEDQNVVPETTSEGFAFQVQDGAPGTFNF
;
A
2 'polypeptide(L)' STRKRRRHPMNKRRYAKRRF C,D
#
# COMPACT_ATOMS: atom_id res chain seq x y z
N GLY A 53 0.74 -19.70 -38.81
CA GLY A 53 -0.58 -20.27 -38.62
C GLY A 53 -1.59 -19.25 -38.14
N THR A 54 -1.57 -18.99 -36.83
CA THR A 54 -2.46 -18.02 -36.20
C THR A 54 -1.68 -16.78 -35.73
N VAL A 55 -0.70 -16.36 -36.53
CA VAL A 55 0.20 -15.27 -36.19
C VAL A 55 -0.08 -14.10 -37.13
N ASN A 56 -0.30 -12.92 -36.56
CA ASN A 56 -0.43 -11.68 -37.33
C ASN A 56 -1.70 -11.67 -38.18
N TRP A 57 -2.78 -12.26 -37.67
CA TRP A 57 -4.05 -12.16 -38.35
C TRP A 57 -4.58 -10.74 -38.31
N SER A 58 -5.40 -10.39 -39.29
CA SER A 58 -6.14 -9.15 -39.27
C SER A 58 -7.44 -9.36 -38.50
N VAL A 59 -7.95 -8.26 -37.93
CA VAL A 59 -9.24 -8.34 -37.23
C VAL A 59 -10.31 -8.85 -38.18
N GLU A 60 -10.21 -8.49 -39.46
CA GLU A 60 -11.17 -9.00 -40.45
C GLU A 60 -11.14 -10.52 -40.50
N ASP A 61 -9.95 -11.11 -40.57
CA ASP A 61 -9.83 -12.56 -40.64
C ASP A 61 -10.31 -13.20 -39.35
N ILE A 62 -9.98 -12.60 -38.21
CA ILE A 62 -10.46 -13.13 -36.93
C ILE A 62 -11.97 -13.14 -36.89
N VAL A 63 -12.61 -12.07 -37.35
CA VAL A 63 -14.06 -12.00 -37.35
C VAL A 63 -14.64 -13.03 -38.30
N LYS A 64 -14.04 -13.17 -39.49
CA LYS A 64 -14.53 -14.17 -40.44
C LYS A 64 -14.45 -15.57 -39.87
N GLY A 65 -13.36 -15.87 -39.15
CA GLY A 65 -13.24 -17.20 -38.56
C GLY A 65 -14.20 -17.43 -37.42
N ILE A 66 -14.37 -16.43 -36.55
CA ILE A 66 -15.25 -16.60 -35.39
C ILE A 66 -16.70 -16.65 -35.82
N ASN A 67 -17.06 -16.00 -36.93
CA ASN A 67 -18.43 -16.00 -37.41
C ASN A 67 -18.78 -17.26 -38.19
N SER A 68 -17.81 -18.09 -38.53
CA SER A 68 -18.11 -19.38 -39.12
C SER A 68 -18.66 -20.34 -38.07
N ASN A 69 -19.54 -21.23 -38.49
CA ASN A 69 -20.10 -22.24 -37.60
C ASN A 69 -19.21 -23.45 -37.52
N ASN A 70 -17.90 -23.26 -37.70
CA ASN A 70 -16.91 -24.32 -37.63
C ASN A 70 -16.10 -24.12 -36.35
N LEU A 71 -16.30 -25.00 -35.37
CA LEU A 71 -15.70 -24.82 -34.06
C LEU A 71 -14.17 -24.78 -34.14
N GLU A 72 -13.58 -25.52 -35.08
CA GLU A 72 -12.13 -25.50 -35.21
C GLU A 72 -11.63 -24.20 -35.83
N SER A 73 -12.35 -23.69 -36.84
CA SER A 73 -12.01 -22.38 -37.38
C SER A 73 -12.21 -21.30 -36.32
N GLN A 74 -13.25 -21.43 -35.50
CA GLN A 74 -13.45 -20.49 -34.40
C GLN A 74 -12.29 -20.55 -33.42
N LEU A 75 -11.82 -21.76 -33.10
CA LEU A 75 -10.70 -21.90 -32.18
C LEU A 75 -9.44 -21.26 -32.75
N GLN A 76 -9.16 -21.48 -34.04
CA GLN A 76 -7.97 -20.88 -34.63
C GLN A 76 -8.08 -19.36 -34.66
N ALA A 77 -9.26 -18.83 -34.96
CA ALA A 77 -9.43 -17.38 -34.97
C ALA A 77 -9.30 -16.82 -33.56
N THR A 78 -9.81 -17.52 -32.55
CA THR A 78 -9.71 -17.06 -31.18
C THR A 78 -8.27 -17.08 -30.71
N GLN A 79 -7.50 -18.09 -31.11
CA GLN A 79 -6.08 -18.11 -30.78
C GLN A 79 -5.34 -16.97 -31.49
N ALA A 80 -5.70 -16.69 -32.74
CA ALA A 80 -5.10 -15.54 -33.43
C ALA A 80 -5.40 -14.26 -32.68
N ALA A 81 -6.65 -14.10 -32.19
CA ALA A 81 -6.99 -12.93 -31.40
C ALA A 81 -6.17 -12.87 -30.12
N ARG A 82 -6.01 -14.01 -29.44
CA ARG A 82 -5.20 -14.04 -28.22
C ARG A 82 -3.77 -13.58 -28.51
N LYS A 83 -3.19 -14.09 -29.60
CA LYS A 83 -1.82 -13.71 -29.94
C LYS A 83 -1.73 -12.23 -30.29
N LEU A 84 -2.75 -11.70 -30.97
CA LEU A 84 -2.76 -10.27 -31.27
C LEU A 84 -2.80 -9.45 -29.99
N LEU A 85 -3.64 -9.85 -29.04
CA LEU A 85 -3.80 -9.13 -27.78
C LEU A 85 -2.64 -9.34 -26.82
N SER A 86 -1.73 -10.25 -27.12
CA SER A 86 -0.57 -10.53 -26.28
C SER A 86 0.70 -9.87 -26.79
N ARG A 87 0.62 -9.05 -27.83
CA ARG A 87 1.80 -8.40 -28.38
C ARG A 87 2.23 -7.24 -27.48
N GLU A 88 3.54 -7.03 -27.40
CA GLU A 88 4.09 -6.11 -26.40
C GLU A 88 3.61 -4.69 -26.63
N LYS A 89 3.52 -4.25 -27.88
CA LYS A 89 3.25 -2.86 -28.21
C LYS A 89 1.89 -2.70 -28.86
N GLN A 90 1.07 -1.82 -28.29
CA GLN A 90 -0.18 -1.38 -28.91
C GLN A 90 -1.10 -2.55 -29.24
N PRO A 91 -1.56 -3.31 -28.25
CA PRO A 91 -2.56 -4.35 -28.51
C PRO A 91 -3.85 -3.74 -29.00
N PRO A 92 -4.37 -4.18 -30.16
CA PRO A 92 -5.59 -3.56 -30.69
C PRO A 92 -6.84 -3.97 -29.93
N ILE A 93 -6.93 -3.54 -28.67
CA ILE A 93 -8.08 -3.92 -27.84
C ILE A 93 -9.36 -3.26 -28.35
N ASP A 94 -9.28 -1.96 -28.65
CA ASP A 94 -10.47 -1.24 -29.10
C ASP A 94 -11.00 -1.81 -30.40
N ASN A 95 -10.12 -2.17 -31.33
CA ASN A 95 -10.58 -2.76 -32.58
C ASN A 95 -11.29 -4.08 -32.34
N ILE A 96 -10.74 -4.91 -31.44
CA ILE A 96 -11.37 -6.18 -31.12
C ILE A 96 -12.75 -5.95 -30.50
N ILE A 97 -12.87 -4.91 -29.66
CA ILE A 97 -14.16 -4.63 -29.03
C ILE A 97 -15.18 -4.15 -30.07
N ARG A 98 -14.76 -3.23 -30.94
CA ARG A 98 -15.69 -2.70 -31.94
C ARG A 98 -16.19 -3.80 -32.87
N ALA A 99 -15.36 -4.81 -33.14
CA ALA A 99 -15.78 -5.93 -33.97
C ALA A 99 -16.87 -6.77 -33.32
N GLY A 100 -17.18 -6.52 -32.05
CA GLY A 100 -18.22 -7.27 -31.37
C GLY A 100 -17.82 -8.68 -31.00
N LEU A 101 -16.56 -8.90 -30.65
CA LEU A 101 -16.05 -10.23 -30.38
C LEU A 101 -16.16 -10.65 -28.92
N ILE A 102 -16.43 -9.71 -28.01
CA ILE A 102 -16.50 -10.06 -26.58
C ILE A 102 -17.62 -11.06 -26.32
N PRO A 103 -18.85 -10.87 -26.81
CA PRO A 103 -19.89 -11.88 -26.56
C PRO A 103 -19.51 -13.26 -27.06
N LYS A 104 -18.82 -13.35 -28.20
CA LYS A 104 -18.42 -14.64 -28.72
C LYS A 104 -17.38 -15.31 -27.82
N PHE A 105 -16.40 -14.54 -27.34
CA PHE A 105 -15.44 -15.09 -26.40
C PHE A 105 -16.13 -15.57 -25.13
N VAL A 106 -17.07 -14.78 -24.61
CA VAL A 106 -17.78 -15.17 -23.39
C VAL A 106 -18.56 -16.45 -23.62
N SER A 107 -19.16 -16.61 -24.81
CA SER A 107 -19.88 -17.84 -25.11
C SER A 107 -18.91 -19.02 -25.22
N PHE A 108 -17.73 -18.79 -25.81
CA PHE A 108 -16.73 -19.84 -25.89
C PHE A 108 -16.28 -20.28 -24.50
N LEU A 109 -16.26 -19.35 -23.53
CA LEU A 109 -15.88 -19.72 -22.17
C LEU A 109 -16.71 -20.89 -21.65
N GLY A 110 -17.92 -21.08 -22.18
CA GLY A 110 -18.81 -22.13 -21.73
C GLY A 110 -18.78 -23.42 -22.51
N LYS A 111 -17.82 -23.59 -23.43
CA LYS A 111 -17.74 -24.81 -24.23
C LYS A 111 -16.88 -25.83 -23.47
N THR A 112 -17.53 -26.55 -22.55
CA THR A 112 -16.83 -27.55 -21.75
C THR A 112 -16.22 -28.64 -22.62
N ASP A 113 -16.84 -28.93 -23.78
CA ASP A 113 -16.36 -29.99 -24.66
C ASP A 113 -15.15 -29.58 -25.48
N CYS A 114 -14.73 -28.30 -25.44
CA CYS A 114 -13.57 -27.82 -26.19
C CYS A 114 -12.75 -26.93 -25.25
N SER A 115 -11.97 -27.56 -24.38
CA SER A 115 -11.15 -26.80 -23.45
C SER A 115 -10.16 -25.86 -24.12
N PRO A 116 -9.59 -26.18 -25.29
CA PRO A 116 -8.66 -25.22 -25.91
C PRO A 116 -9.30 -23.87 -26.21
N ILE A 117 -10.52 -23.85 -26.72
CA ILE A 117 -11.16 -22.57 -27.02
C ILE A 117 -11.53 -21.85 -25.74
N GLN A 118 -11.93 -22.61 -24.70
CA GLN A 118 -12.12 -22.00 -23.39
C GLN A 118 -10.86 -21.26 -22.95
N PHE A 119 -9.71 -21.92 -23.06
CA PHE A 119 -8.46 -21.31 -22.61
C PHE A 119 -8.10 -20.09 -23.46
N GLU A 120 -8.23 -20.21 -24.78
CA GLU A 120 -7.87 -19.10 -25.66
C GLU A 120 -8.78 -17.89 -25.44
N SER A 121 -10.08 -18.12 -25.30
CA SER A 121 -11.00 -17.01 -25.05
C SER A 121 -10.79 -16.41 -23.68
N ALA A 122 -10.47 -17.24 -22.67
CA ALA A 122 -10.18 -16.71 -21.35
C ALA A 122 -8.93 -15.83 -21.38
N TRP A 123 -7.90 -16.26 -22.10
CA TRP A 123 -6.69 -15.45 -22.24
C TRP A 123 -6.98 -14.14 -22.95
N ALA A 124 -7.73 -14.20 -24.05
CA ALA A 124 -8.07 -12.98 -24.78
C ALA A 124 -8.85 -12.02 -23.90
N LEU A 125 -9.84 -12.53 -23.16
CA LEU A 125 -10.64 -11.67 -22.30
C LEU A 125 -9.83 -11.12 -21.13
N THR A 126 -8.89 -11.92 -20.61
CA THR A 126 -7.98 -11.42 -19.59
C THR A 126 -7.20 -10.23 -20.12
N ASN A 127 -6.67 -10.35 -21.34
CA ASN A 127 -5.86 -9.26 -21.90
C ASN A 127 -6.72 -8.04 -22.21
N ILE A 128 -7.97 -8.25 -22.63
CA ILE A 128 -8.86 -7.10 -22.83
C ILE A 128 -9.16 -6.41 -21.51
N ALA A 129 -9.44 -7.19 -20.46
CA ALA A 129 -9.78 -6.63 -19.15
C ALA A 129 -8.58 -5.99 -18.47
N SER A 130 -7.37 -6.20 -18.97
CA SER A 130 -6.17 -5.59 -18.39
C SER A 130 -5.99 -4.14 -18.82
N GLY A 131 -6.83 -3.64 -19.72
CA GLY A 131 -6.65 -2.30 -20.25
C GLY A 131 -7.38 -1.24 -19.46
N THR A 132 -7.93 -0.25 -20.15
CA THR A 132 -8.61 0.85 -19.49
C THR A 132 -9.86 0.37 -18.77
N SER A 133 -10.45 1.26 -17.97
CA SER A 133 -11.68 0.93 -17.27
C SER A 133 -12.83 0.68 -18.24
N GLU A 134 -12.82 1.37 -19.39
CA GLU A 134 -13.87 1.16 -20.37
C GLU A 134 -13.78 -0.23 -20.99
N GLN A 135 -12.57 -0.72 -21.23
CA GLN A 135 -12.40 -2.05 -21.82
C GLN A 135 -12.73 -3.15 -20.80
N THR A 136 -12.32 -2.97 -19.55
CA THR A 136 -12.76 -3.89 -18.50
C THR A 136 -14.27 -3.89 -18.38
N LYS A 137 -14.89 -2.71 -18.48
CA LYS A 137 -16.35 -2.63 -18.43
C LYS A 137 -16.97 -3.37 -19.61
N ALA A 138 -16.36 -3.28 -20.80
CA ALA A 138 -16.87 -4.04 -21.94
C ALA A 138 -16.82 -5.53 -21.65
N VAL A 139 -15.73 -6.00 -21.04
CA VAL A 139 -15.63 -7.41 -20.69
C VAL A 139 -16.74 -7.79 -19.72
N VAL A 140 -16.94 -6.98 -18.67
CA VAL A 140 -17.95 -7.28 -17.66
C VAL A 140 -19.34 -7.28 -18.27
N ASP A 141 -19.62 -6.32 -19.15
CA ASP A 141 -20.93 -6.21 -19.78
C ASP A 141 -21.24 -7.40 -20.67
N GLY A 142 -20.22 -8.10 -21.16
CA GLY A 142 -20.43 -9.32 -21.91
C GLY A 142 -20.87 -10.51 -21.07
N GLY A 143 -20.98 -10.33 -19.75
CA GLY A 143 -21.36 -11.44 -18.89
C GLY A 143 -20.22 -12.34 -18.49
N ALA A 144 -18.99 -11.82 -18.44
CA ALA A 144 -17.82 -12.65 -18.26
C ALA A 144 -17.58 -13.07 -16.81
N ILE A 145 -18.11 -12.33 -15.84
CA ILE A 145 -17.83 -12.60 -14.43
C ILE A 145 -18.34 -13.99 -14.04
N PRO A 146 -19.62 -14.31 -14.25
CA PRO A 146 -20.09 -15.65 -13.87
C PRO A 146 -19.46 -16.76 -14.69
N ALA A 147 -19.14 -16.50 -15.97
CA ALA A 147 -18.46 -17.52 -16.77
C ALA A 147 -17.08 -17.84 -16.19
N PHE A 148 -16.33 -16.81 -15.82
CA PHE A 148 -15.01 -17.05 -15.22
C PHE A 148 -15.15 -17.74 -13.86
N ILE A 149 -16.15 -17.36 -13.07
CA ILE A 149 -16.34 -18.01 -11.78
C ILE A 149 -16.66 -19.48 -11.97
N SER A 150 -17.43 -19.81 -13.01
CA SER A 150 -17.70 -21.21 -13.31
C SER A 150 -16.43 -21.92 -13.76
N LEU A 151 -15.59 -21.25 -14.55
CA LEU A 151 -14.34 -21.86 -14.99
C LEU A 151 -13.37 -22.07 -13.83
N LEU A 152 -13.53 -21.32 -12.74
CA LEU A 152 -12.64 -21.53 -11.58
C LEU A 152 -12.60 -23.00 -11.16
N ALA A 153 -13.68 -23.73 -11.37
CA ALA A 153 -13.76 -25.14 -11.01
C ALA A 153 -13.39 -26.07 -12.16
N SER A 154 -12.77 -25.55 -13.21
CA SER A 154 -12.40 -26.40 -14.33
C SER A 154 -11.38 -27.43 -13.90
N PRO A 155 -11.44 -28.66 -14.42
CA PRO A 155 -10.41 -29.66 -14.10
C PRO A 155 -9.06 -29.34 -14.71
N HIS A 156 -9.00 -28.45 -15.70
CA HIS A 156 -7.74 -28.08 -16.33
C HIS A 156 -7.13 -26.92 -15.55
N ALA A 157 -5.90 -27.12 -15.07
CA ALA A 157 -5.28 -26.14 -14.18
C ALA A 157 -5.04 -24.81 -14.88
N HIS A 158 -4.62 -24.84 -16.15
CA HIS A 158 -4.30 -23.60 -16.83
C HIS A 158 -5.56 -22.77 -17.10
N ILE A 159 -6.70 -23.42 -17.35
CA ILE A 159 -7.94 -22.69 -17.55
C ILE A 159 -8.39 -22.04 -16.24
N SER A 160 -8.31 -22.76 -15.14
CA SER A 160 -8.65 -22.20 -13.84
C SER A 160 -7.73 -21.03 -13.49
N GLU A 161 -6.43 -21.18 -13.79
CA GLU A 161 -5.49 -20.08 -13.57
C GLU A 161 -5.87 -18.86 -14.38
N GLN A 162 -6.23 -19.07 -15.65
CA GLN A 162 -6.60 -17.93 -16.49
C GLN A 162 -7.87 -17.26 -15.97
N ALA A 163 -8.82 -18.04 -15.46
CA ALA A 163 -10.02 -17.46 -14.87
C ALA A 163 -9.68 -16.65 -13.63
N VAL A 164 -8.78 -17.16 -12.79
CA VAL A 164 -8.32 -16.41 -11.63
C VAL A 164 -7.72 -15.08 -12.07
N TRP A 165 -6.86 -15.12 -13.11
CA TRP A 165 -6.22 -13.92 -13.61
C TRP A 165 -7.24 -12.90 -14.11
N ALA A 166 -8.22 -13.36 -14.89
CA ALA A 166 -9.24 -12.46 -15.43
C ALA A 166 -10.04 -11.82 -14.31
N LEU A 167 -10.47 -12.62 -13.33
CA LEU A 167 -11.20 -12.08 -12.20
C LEU A 167 -10.34 -11.08 -11.43
N GLY A 168 -9.04 -11.33 -11.35
CA GLY A 168 -8.16 -10.39 -10.68
C GLY A 168 -8.11 -9.05 -11.39
N ASN A 169 -8.00 -9.06 -12.71
CA ASN A 169 -8.04 -7.80 -13.46
C ASN A 169 -9.36 -7.08 -13.24
N ILE A 170 -10.48 -7.81 -13.36
CA ILE A 170 -11.79 -7.18 -13.21
C ILE A 170 -11.91 -6.54 -11.84
N ALA A 171 -11.59 -7.29 -10.78
CA ALA A 171 -11.67 -6.74 -9.44
C ALA A 171 -10.71 -5.57 -9.25
N GLY A 172 -9.53 -5.64 -9.86
CA GLY A 172 -8.56 -4.58 -9.75
C GLY A 172 -9.00 -3.30 -10.44
N ASP A 173 -9.98 -3.37 -11.33
CA ASP A 173 -10.52 -2.14 -11.91
C ASP A 173 -10.92 -1.13 -10.83
N GLY A 174 -11.66 -1.56 -9.82
CA GLY A 174 -12.09 -0.64 -8.79
C GLY A 174 -13.09 -1.28 -7.84
N SER A 175 -13.60 -0.44 -6.93
CA SER A 175 -14.48 -0.92 -5.86
C SER A 175 -15.76 -1.52 -6.42
N ALA A 176 -16.35 -0.88 -7.43
CA ALA A 176 -17.62 -1.37 -7.98
C ALA A 176 -17.46 -2.79 -8.52
N PHE A 177 -16.50 -2.99 -9.43
CA PHE A 177 -16.31 -4.32 -10.01
C PHE A 177 -15.77 -5.31 -8.98
N ARG A 178 -14.97 -4.86 -8.03
CA ARG A 178 -14.56 -5.71 -6.92
C ARG A 178 -15.78 -6.29 -6.20
N ASP A 179 -16.68 -5.41 -5.75
CA ASP A 179 -17.85 -5.86 -5.02
C ASP A 179 -18.79 -6.67 -5.91
N LEU A 180 -18.81 -6.39 -7.22
CA LEU A 180 -19.65 -7.17 -8.12
C LEU A 180 -19.11 -8.58 -8.28
N VAL A 181 -17.79 -8.72 -8.44
CA VAL A 181 -17.17 -10.04 -8.46
C VAL A 181 -17.48 -10.79 -7.17
N ILE A 182 -17.45 -10.08 -6.04
CA ILE A 182 -17.76 -10.72 -4.76
C ILE A 182 -19.22 -11.18 -4.73
N LYS A 183 -20.13 -10.35 -5.25
CA LYS A 183 -21.55 -10.70 -5.22
C LYS A 183 -21.84 -11.93 -6.08
N HIS A 184 -21.10 -12.13 -7.16
CA HIS A 184 -21.28 -13.32 -8.00
C HIS A 184 -20.74 -14.59 -7.34
N GLY A 185 -20.07 -14.47 -6.19
CA GLY A 185 -19.66 -15.64 -5.43
C GLY A 185 -18.31 -16.21 -5.79
N ALA A 186 -17.32 -15.34 -6.04
CA ALA A 186 -16.01 -15.81 -6.46
C ALA A 186 -15.13 -16.24 -5.28
N ILE A 187 -15.37 -15.67 -4.10
CA ILE A 187 -14.46 -15.89 -2.98
C ILE A 187 -14.43 -17.36 -2.60
N ASP A 188 -15.59 -18.01 -2.57
CA ASP A 188 -15.64 -19.41 -2.15
C ASP A 188 -14.81 -20.30 -3.06
N PRO A 189 -15.02 -20.33 -4.38
CA PRO A 189 -14.16 -21.17 -5.23
C PRO A 189 -12.70 -20.73 -5.22
N LEU A 190 -12.43 -19.41 -5.17
CA LEU A 190 -11.05 -18.97 -5.10
C LEU A 190 -10.34 -19.56 -3.90
N LEU A 191 -10.96 -19.47 -2.71
CA LEU A 191 -10.33 -20.00 -1.51
C LEU A 191 -10.29 -21.52 -1.54
N ALA A 192 -11.30 -22.17 -2.13
CA ALA A 192 -11.24 -23.62 -2.27
C ALA A 192 -10.05 -24.06 -3.10
N LEU A 193 -9.64 -23.24 -4.07
CA LEU A 193 -8.45 -23.58 -4.85
C LEU A 193 -7.20 -23.66 -3.96
N LEU A 194 -7.19 -22.93 -2.84
CA LEU A 194 -6.05 -22.90 -1.94
C LEU A 194 -6.23 -23.81 -0.74
N ALA A 195 -7.25 -24.67 -0.73
CA ALA A 195 -7.53 -25.55 0.40
C ALA A 195 -6.70 -26.82 0.28
N VAL A 196 -5.41 -26.68 0.53
CA VAL A 196 -4.47 -27.80 0.43
C VAL A 196 -3.69 -27.92 1.72
N PRO A 197 -3.23 -29.13 2.08
CA PRO A 197 -2.42 -29.25 3.30
C PRO A 197 -1.16 -28.39 3.28
N ASP A 198 -0.52 -28.26 2.13
CA ASP A 198 0.75 -27.56 2.00
C ASP A 198 0.75 -26.78 0.70
N LEU A 199 0.89 -25.45 0.80
CA LEU A 199 0.86 -24.61 -0.39
C LEU A 199 1.99 -24.92 -1.35
N SER A 200 3.05 -25.57 -0.89
CA SER A 200 4.19 -25.87 -1.75
C SER A 200 3.87 -26.94 -2.79
N THR A 201 2.77 -27.68 -2.62
CA THR A 201 2.37 -28.64 -3.65
C THR A 201 1.81 -27.95 -4.88
N LEU A 202 1.29 -26.73 -4.74
CA LEU A 202 0.70 -26.02 -5.86
C LEU A 202 1.79 -25.45 -6.77
N ALA A 203 1.45 -25.30 -8.05
CA ALA A 203 2.37 -24.68 -8.98
C ALA A 203 2.65 -23.24 -8.56
N CYS A 204 3.89 -22.81 -8.77
CA CYS A 204 4.32 -21.50 -8.29
C CYS A 204 3.51 -20.38 -8.93
N GLY A 205 3.47 -20.34 -10.27
CA GLY A 205 2.72 -19.29 -10.93
C GLY A 205 1.25 -19.29 -10.57
N TYR A 206 0.68 -20.49 -10.41
CA TYR A 206 -0.72 -20.61 -10.00
C TYR A 206 -0.95 -19.95 -8.65
N LEU A 207 -0.10 -20.26 -7.67
CA LEU A 207 -0.23 -19.67 -6.34
C LEU A 207 -0.03 -18.16 -6.39
N ARG A 208 0.92 -17.69 -7.19
CA ARG A 208 1.15 -16.26 -7.32
C ARG A 208 -0.08 -15.55 -7.88
N ASN A 209 -0.69 -16.12 -8.93
CA ASN A 209 -1.89 -15.52 -9.49
C ASN A 209 -3.03 -15.50 -8.50
N LEU A 210 -3.21 -16.60 -7.75
CA LEU A 210 -4.26 -16.63 -6.74
C LEU A 210 -4.03 -15.56 -5.68
N THR A 211 -2.80 -15.43 -5.19
CA THR A 211 -2.51 -14.43 -4.18
C THR A 211 -2.75 -13.03 -4.72
N TRP A 212 -2.35 -12.76 -5.96
CA TRP A 212 -2.54 -11.43 -6.52
C TRP A 212 -4.03 -11.10 -6.67
N THR A 213 -4.82 -12.06 -7.14
CA THR A 213 -6.27 -11.83 -7.28
C THR A 213 -6.90 -11.59 -5.92
N LEU A 214 -6.51 -12.36 -4.90
CA LEU A 214 -7.02 -12.13 -3.56
C LEU A 214 -6.63 -10.74 -3.07
N SER A 215 -5.41 -10.29 -3.37
CA SER A 215 -5.00 -8.95 -2.99
C SER A 215 -5.87 -7.90 -3.64
N ASN A 216 -6.25 -8.12 -4.91
CA ASN A 216 -7.14 -7.17 -5.57
C ASN A 216 -8.53 -7.20 -4.97
N LEU A 217 -8.96 -8.34 -4.43
CA LEU A 217 -10.25 -8.36 -3.73
C LEU A 217 -10.19 -7.63 -2.39
N CYS A 218 -9.00 -7.40 -1.85
CA CYS A 218 -8.83 -6.63 -0.62
C CYS A 218 -8.55 -5.16 -0.88
N ARG A 219 -8.41 -4.77 -2.15
CA ARG A 219 -7.91 -3.46 -2.54
C ARG A 219 -9.03 -2.44 -2.67
N ASN A 220 -8.64 -1.16 -2.62
CA ASN A 220 -9.51 -0.03 -2.89
C ASN A 220 -10.45 0.31 -1.74
N LYS A 221 -10.78 1.59 -1.60
CA LYS A 221 -11.67 2.07 -0.55
C LYS A 221 -12.81 2.88 -1.15
N ASN A 222 -13.63 3.50 -0.31
CA ASN A 222 -14.76 4.31 -0.75
C ASN A 222 -15.63 3.53 -1.74
N PRO A 223 -16.22 2.40 -1.33
CA PRO A 223 -16.10 1.80 0.00
C PRO A 223 -15.00 0.74 0.09
N ALA A 224 -14.64 0.38 1.32
CA ALA A 224 -13.73 -0.74 1.54
C ALA A 224 -14.47 -2.06 1.30
N PRO A 225 -13.74 -3.15 1.13
CA PRO A 225 -14.40 -4.44 0.84
C PRO A 225 -15.42 -4.78 1.91
N PRO A 226 -16.37 -5.67 1.59
CA PRO A 226 -17.37 -6.07 2.60
C PRO A 226 -16.69 -6.74 3.78
N LEU A 227 -17.16 -6.41 4.98
CA LEU A 227 -16.57 -6.95 6.20
C LEU A 227 -16.64 -8.47 6.21
N ASP A 228 -17.77 -9.04 5.79
CA ASP A 228 -17.89 -10.50 5.75
C ASP A 228 -16.88 -11.09 4.77
N ALA A 229 -16.64 -10.40 3.65
CA ALA A 229 -15.65 -10.89 2.69
C ALA A 229 -14.25 -10.82 3.27
N VAL A 230 -13.91 -9.73 3.96
CA VAL A 230 -12.60 -9.61 4.58
C VAL A 230 -12.40 -10.72 5.60
N GLU A 231 -13.42 -10.99 6.41
CA GLU A 231 -13.30 -12.05 7.41
C GLU A 231 -13.19 -13.42 6.76
N GLN A 232 -13.89 -13.62 5.63
CA GLN A 232 -13.78 -14.89 4.90
C GLN A 232 -12.38 -15.07 4.33
N ILE A 233 -11.73 -14.00 3.91
CA ILE A 233 -10.45 -14.12 3.24
C ILE A 233 -9.25 -14.13 4.19
N LEU A 234 -9.34 -13.43 5.32
CA LEU A 234 -8.15 -13.22 6.14
C LEU A 234 -7.42 -14.49 6.55
N PRO A 235 -8.08 -15.59 6.94
CA PRO A 235 -7.32 -16.80 7.32
C PRO A 235 -6.36 -17.27 6.23
N THR A 236 -6.85 -17.35 4.99
CA THR A 236 -5.97 -17.76 3.89
C THR A 236 -4.87 -16.75 3.66
N LEU A 237 -5.16 -15.46 3.88
CA LEU A 237 -4.13 -14.44 3.74
C LEU A 237 -3.03 -14.64 4.77
N VAL A 238 -3.39 -15.02 5.99
CA VAL A 238 -2.39 -15.30 7.02
C VAL A 238 -1.52 -16.48 6.59
N ARG A 239 -2.16 -17.57 6.16
CA ARG A 239 -1.40 -18.72 5.71
C ARG A 239 -0.43 -18.34 4.58
N LEU A 240 -0.89 -17.50 3.64
CA LEU A 240 -0.02 -17.09 2.54
C LEU A 240 1.09 -16.18 3.04
N LEU A 241 0.82 -15.36 4.06
CA LEU A 241 1.84 -14.52 4.65
C LEU A 241 2.94 -15.37 5.29
N HIS A 242 2.64 -16.62 5.63
CA HIS A 242 3.69 -17.51 6.11
C HIS A 242 4.31 -18.37 5.02
N HIS A 243 3.94 -18.17 3.75
CA HIS A 243 4.55 -18.91 2.65
C HIS A 243 5.97 -18.40 2.40
N ASN A 244 6.71 -19.15 1.58
CA ASN A 244 8.13 -18.89 1.37
C ASN A 244 8.45 -18.21 0.04
N ASP A 245 7.48 -18.07 -0.85
CA ASP A 245 7.77 -17.49 -2.16
C ASP A 245 7.79 -15.96 -2.06
N PRO A 246 8.83 -15.29 -2.56
CA PRO A 246 8.90 -13.83 -2.41
C PRO A 246 7.72 -13.08 -3.00
N GLU A 247 7.25 -13.48 -4.19
CA GLU A 247 6.13 -12.77 -4.81
C GLU A 247 4.84 -13.00 -4.03
N VAL A 248 4.61 -14.23 -3.57
CA VAL A 248 3.44 -14.51 -2.75
C VAL A 248 3.48 -13.66 -1.49
N LEU A 249 4.64 -13.58 -0.85
CA LEU A 249 4.78 -12.77 0.37
C LEU A 249 4.52 -11.30 0.07
N ALA A 250 5.04 -10.79 -1.05
CA ALA A 250 4.83 -9.39 -1.39
C ALA A 250 3.34 -9.10 -1.61
N ASP A 251 2.66 -9.96 -2.35
CA ASP A 251 1.24 -9.72 -2.62
C ASP A 251 0.39 -9.88 -1.37
N SER A 252 0.75 -10.83 -0.48
CA SER A 252 0.04 -10.96 0.79
C SER A 252 0.24 -9.72 1.65
N CYS A 253 1.46 -9.19 1.70
CA CYS A 253 1.71 -7.97 2.45
C CYS A 253 0.94 -6.80 1.86
N TRP A 254 0.86 -6.72 0.53
CA TRP A 254 0.06 -5.67 -0.09
C TRP A 254 -1.42 -5.81 0.30
N ALA A 255 -1.94 -7.03 0.29
CA ALA A 255 -3.32 -7.24 0.72
C ALA A 255 -3.53 -6.78 2.15
N ILE A 256 -2.61 -7.15 3.05
CA ILE A 256 -2.74 -6.74 4.45
C ILE A 256 -2.67 -5.23 4.57
N SER A 257 -1.82 -4.59 3.76
CA SER A 257 -1.71 -3.13 3.82
C SER A 257 -3.00 -2.47 3.32
N TYR A 258 -3.63 -3.04 2.30
CA TYR A 258 -4.94 -2.54 1.89
C TYR A 258 -5.94 -2.67 3.02
N LEU A 259 -5.95 -3.82 3.70
CA LEU A 259 -6.96 -4.07 4.72
C LEU A 259 -6.74 -3.19 5.95
N THR A 260 -5.49 -2.88 6.29
CA THR A 260 -5.19 -2.06 7.46
C THR A 260 -5.31 -0.57 7.18
N ASP A 261 -5.60 -0.17 5.94
CA ASP A 261 -5.77 1.24 5.59
C ASP A 261 -7.24 1.60 5.76
N GLY A 262 -7.61 1.91 7.00
CA GLY A 262 -8.97 2.26 7.32
C GLY A 262 -9.18 2.53 8.80
N PRO A 263 -10.44 2.57 9.22
CA PRO A 263 -10.74 2.85 10.64
C PRO A 263 -10.13 1.79 11.55
N ASN A 264 -10.25 2.05 12.86
CA ASN A 264 -9.64 1.15 13.85
C ASN A 264 -10.25 -0.23 13.81
N GLU A 265 -11.50 -0.36 13.35
CA GLU A 265 -12.14 -1.67 13.34
C GLU A 265 -11.51 -2.59 12.31
N ARG A 266 -11.12 -2.06 11.15
CA ARG A 266 -10.45 -2.86 10.14
C ARG A 266 -9.06 -3.29 10.64
N ILE A 267 -8.30 -2.33 11.17
CA ILE A 267 -6.99 -2.65 11.75
C ILE A 267 -7.15 -3.73 12.81
N GLU A 268 -8.22 -3.65 13.61
CA GLU A 268 -8.44 -4.64 14.65
C GLU A 268 -8.75 -6.01 14.06
N MET A 269 -9.59 -6.05 13.02
CA MET A 269 -9.83 -7.30 12.32
C MET A 269 -8.52 -7.95 11.90
N VAL A 270 -7.58 -7.14 11.40
CA VAL A 270 -6.31 -7.69 10.94
C VAL A 270 -5.47 -8.16 12.12
N VAL A 271 -5.28 -7.30 13.13
CA VAL A 271 -4.35 -7.60 14.21
C VAL A 271 -4.86 -8.72 15.11
N LYS A 272 -6.18 -8.95 15.16
CA LYS A 272 -6.70 -10.08 15.93
C LYS A 272 -6.16 -11.40 15.41
N LYS A 273 -5.85 -11.47 14.11
CA LYS A 273 -5.35 -12.70 13.52
C LYS A 273 -3.91 -13.01 13.93
N GLY A 274 -3.25 -12.09 14.63
CA GLY A 274 -1.90 -12.33 15.09
C GLY A 274 -0.82 -12.25 14.03
N VAL A 275 -1.02 -11.40 13.02
CA VAL A 275 -0.06 -11.31 11.91
C VAL A 275 1.06 -10.31 12.16
N VAL A 276 0.97 -9.50 13.22
CA VAL A 276 1.96 -8.44 13.43
C VAL A 276 3.38 -8.99 13.54
N PRO A 277 3.64 -10.04 14.32
CA PRO A 277 5.01 -10.57 14.36
C PRO A 277 5.53 -10.99 13.00
N GLN A 278 4.70 -11.65 12.19
CA GLN A 278 5.12 -12.02 10.85
C GLN A 278 5.37 -10.78 9.99
N LEU A 279 4.54 -9.75 10.15
CA LEU A 279 4.77 -8.51 9.43
C LEU A 279 6.12 -7.88 9.79
N VAL A 280 6.49 -7.95 11.08
CA VAL A 280 7.78 -7.40 11.50
C VAL A 280 8.92 -8.23 10.91
N LYS A 281 8.80 -9.55 10.99
CA LYS A 281 9.80 -10.42 10.39
C LYS A 281 10.01 -10.07 8.92
N LEU A 282 8.92 -9.90 8.18
CA LEU A 282 9.04 -9.53 6.77
C LEU A 282 9.58 -8.12 6.60
N LEU A 283 9.28 -7.23 7.55
CA LEU A 283 9.89 -5.91 7.55
C LEU A 283 11.40 -6.01 7.59
N GLY A 284 11.92 -7.06 8.23
CA GLY A 284 13.35 -7.31 8.22
C GLY A 284 13.89 -8.03 7.01
N ALA A 285 13.06 -8.29 6.00
CA ALA A 285 13.50 -9.05 4.84
C ALA A 285 14.48 -8.24 4.00
N THR A 286 15.16 -8.94 3.08
CA THR A 286 16.13 -8.30 2.20
C THR A 286 15.53 -7.84 0.88
N GLU A 287 14.45 -8.47 0.44
CA GLU A 287 13.80 -8.09 -0.82
C GLU A 287 12.95 -6.84 -0.61
N LEU A 288 13.30 -5.77 -1.30
CA LEU A 288 12.53 -4.53 -1.20
C LEU A 288 11.07 -4.72 -1.57
N PRO A 289 10.72 -5.52 -2.58
CA PRO A 289 9.28 -5.73 -2.88
C PRO A 289 8.51 -6.32 -1.72
N ILE A 290 9.18 -6.93 -0.75
CA ILE A 290 8.52 -7.41 0.46
C ILE A 290 8.52 -6.35 1.55
N VAL A 291 9.65 -5.68 1.76
CA VAL A 291 9.74 -4.68 2.82
C VAL A 291 8.75 -3.56 2.58
N THR A 292 8.57 -3.15 1.32
CA THR A 292 7.69 -2.01 1.03
C THR A 292 6.28 -2.25 1.52
N PRO A 293 5.57 -3.29 1.10
CA PRO A 293 4.20 -3.50 1.61
C PRO A 293 4.15 -3.83 3.09
N ALA A 294 5.16 -4.52 3.62
CA ALA A 294 5.18 -4.82 5.05
C ALA A 294 5.29 -3.53 5.87
N LEU A 295 6.18 -2.63 5.47
CA LEU A 295 6.29 -1.34 6.13
C LEU A 295 4.99 -0.55 5.98
N ARG A 296 4.39 -0.60 4.80
CA ARG A 296 3.09 0.04 4.59
C ARG A 296 2.07 -0.43 5.61
N ALA A 297 1.96 -1.76 5.77
CA ALA A 297 0.99 -2.32 6.71
C ALA A 297 1.30 -1.94 8.14
N ILE A 298 2.58 -1.97 8.52
CA ILE A 298 2.95 -1.63 9.90
C ILE A 298 2.61 -0.17 10.20
N GLY A 299 2.88 0.73 9.25
CA GLY A 299 2.49 2.12 9.44
C GLY A 299 0.99 2.28 9.59
N ASN A 300 0.24 1.68 8.67
CA ASN A 300 -1.22 1.71 8.78
C ASN A 300 -1.66 1.26 10.15
N ILE A 301 -1.08 0.16 10.65
CA ILE A 301 -1.49 -0.36 11.95
C ILE A 301 -1.20 0.66 13.05
N VAL A 302 -0.05 1.31 12.99
CA VAL A 302 0.27 2.28 14.04
C VAL A 302 -0.52 3.58 13.91
N THR A 303 -1.31 3.73 12.85
CA THR A 303 -2.25 4.85 12.82
C THR A 303 -3.49 4.65 13.68
N GLY A 304 -3.64 3.52 14.36
CA GLY A 304 -4.84 3.19 15.12
C GLY A 304 -4.72 3.54 16.59
N THR A 305 -5.27 2.68 17.44
CA THR A 305 -5.28 2.92 18.87
C THR A 305 -3.88 2.69 19.45
N ASP A 306 -3.69 3.16 20.70
CA ASP A 306 -2.42 2.95 21.37
C ASP A 306 -2.16 1.47 21.63
N GLU A 307 -3.21 0.66 21.75
CA GLU A 307 -3.03 -0.77 22.00
C GLU A 307 -2.53 -1.49 20.74
N GLN A 308 -3.02 -1.09 19.57
CA GLN A 308 -2.53 -1.67 18.32
C GLN A 308 -1.08 -1.25 18.06
N THR A 309 -0.77 0.03 18.29
CA THR A 309 0.61 0.48 18.21
C THR A 309 1.49 -0.29 19.18
N GLN A 310 0.97 -0.59 20.37
CA GLN A 310 1.74 -1.35 21.34
C GLN A 310 1.94 -2.78 20.89
N LYS A 311 0.96 -3.36 20.20
CA LYS A 311 1.17 -4.67 19.58
C LYS A 311 2.31 -4.62 18.57
N VAL A 312 2.36 -3.54 17.78
CA VAL A 312 3.47 -3.40 16.83
C VAL A 312 4.80 -3.29 17.57
N ILE A 313 4.83 -2.52 18.67
CA ILE A 313 6.07 -2.32 19.41
C ILE A 313 6.52 -3.62 20.08
N ASP A 314 5.58 -4.36 20.66
CA ASP A 314 5.94 -5.59 21.36
C ASP A 314 6.51 -6.64 20.42
N ALA A 315 6.15 -6.58 19.13
CA ALA A 315 6.68 -7.53 18.17
C ALA A 315 8.14 -7.27 17.81
N GLY A 316 8.72 -6.18 18.30
CA GLY A 316 10.10 -5.86 18.02
C GLY A 316 10.33 -5.01 16.79
N ALA A 317 9.33 -4.24 16.37
CA ALA A 317 9.45 -3.48 15.13
C ALA A 317 10.52 -2.39 15.23
N LEU A 318 10.61 -1.73 16.38
CA LEU A 318 11.52 -0.59 16.50
C LEU A 318 12.95 -0.99 16.18
N ALA A 319 13.36 -2.21 16.51
CA ALA A 319 14.73 -2.64 16.27
C ALA A 319 15.09 -2.65 14.79
N VAL A 320 14.09 -2.63 13.90
CA VAL A 320 14.37 -2.60 12.47
C VAL A 320 14.54 -1.18 11.93
N PHE A 321 14.15 -0.16 12.69
CA PHE A 321 14.08 1.17 12.14
C PHE A 321 15.44 1.86 12.00
N PRO A 322 16.48 1.43 12.71
CA PRO A 322 17.82 1.96 12.36
C PRO A 322 18.16 1.78 10.89
N SER A 323 17.83 0.62 10.32
CA SER A 323 18.08 0.41 8.90
C SER A 323 17.06 1.14 8.04
N LEU A 324 15.78 1.05 8.39
CA LEU A 324 14.74 1.65 7.57
C LEU A 324 14.91 3.17 7.48
N LEU A 325 15.31 3.80 8.58
CA LEU A 325 15.51 5.24 8.58
C LEU A 325 16.81 5.65 7.90
N THR A 326 17.65 4.68 7.52
CA THR A 326 18.86 4.94 6.73
C THR A 326 18.82 4.19 5.39
N ASN A 327 17.64 3.74 4.98
CA ASN A 327 17.54 2.88 3.81
C ASN A 327 17.87 3.67 2.54
N PRO A 328 18.57 3.05 1.58
CA PRO A 328 18.87 3.78 0.33
C PRO A 328 17.65 4.22 -0.44
N LYS A 329 16.55 3.47 -0.36
CA LYS A 329 15.32 3.82 -1.07
C LYS A 329 14.64 4.97 -0.36
N THR A 330 14.41 6.08 -1.08
CA THR A 330 13.80 7.25 -0.46
C THR A 330 12.40 6.94 0.05
N ASN A 331 11.64 6.11 -0.67
CA ASN A 331 10.29 5.79 -0.25
C ASN A 331 10.28 5.02 1.06
N ILE A 332 11.25 4.11 1.23
CA ILE A 332 11.34 3.38 2.49
C ILE A 332 11.62 4.34 3.64
N GLN A 333 12.55 5.28 3.43
CA GLN A 333 12.85 6.25 4.48
C GLN A 333 11.62 7.09 4.82
N LYS A 334 10.90 7.54 3.80
CA LYS A 334 9.72 8.37 4.06
C LYS A 334 8.66 7.60 4.82
N GLU A 335 8.37 6.37 4.40
CA GLU A 335 7.36 5.57 5.08
C GLU A 335 7.79 5.25 6.51
N ALA A 336 9.07 4.95 6.71
CA ALA A 336 9.56 4.65 8.05
C ALA A 336 9.48 5.87 8.95
N THR A 337 9.79 7.04 8.42
CA THR A 337 9.74 8.26 9.23
C THR A 337 8.30 8.64 9.55
N TRP A 338 7.38 8.41 8.61
CA TRP A 338 5.95 8.62 8.90
C TRP A 338 5.46 7.65 9.98
N THR A 339 5.86 6.38 9.88
CA THR A 339 5.53 5.41 10.92
C THR A 339 6.08 5.84 12.28
N MET A 340 7.32 6.34 12.30
CA MET A 340 7.89 6.84 13.54
C MET A 340 7.09 8.02 14.08
N SER A 341 6.66 8.92 13.18
CA SER A 341 5.88 10.07 13.62
C SER A 341 4.57 9.63 14.26
N ASN A 342 3.94 8.60 13.70
CA ASN A 342 2.71 8.10 14.31
C ASN A 342 2.98 7.35 15.61
N ILE A 343 4.18 6.78 15.76
CA ILE A 343 4.50 6.11 17.01
C ILE A 343 4.83 7.12 18.11
N THR A 344 5.43 8.26 17.76
CA THR A 344 5.71 9.30 18.75
C THR A 344 4.47 10.06 19.16
N ALA A 345 3.35 9.89 18.44
CA ALA A 345 2.07 10.45 18.84
C ALA A 345 1.33 9.58 19.85
N GLY A 346 1.98 8.53 20.35
CA GLY A 346 1.35 7.62 21.29
C GLY A 346 1.63 8.00 22.73
N ARG A 347 1.49 7.00 23.60
CA ARG A 347 1.65 7.21 25.03
C ARG A 347 3.10 7.57 25.36
N GLN A 348 3.32 7.95 26.62
CA GLN A 348 4.67 8.34 27.05
C GLN A 348 5.58 7.14 27.18
N ASP A 349 5.06 5.97 27.58
CA ASP A 349 5.88 4.77 27.62
C ASP A 349 6.28 4.33 26.21
N GLN A 350 5.46 4.64 25.21
CA GLN A 350 5.83 4.30 23.84
C GLN A 350 6.91 5.23 23.31
N ILE A 351 6.81 6.52 23.64
CA ILE A 351 7.91 7.44 23.35
C ILE A 351 9.17 6.97 24.06
N GLN A 352 9.03 6.45 25.28
CA GLN A 352 10.19 5.97 26.02
C GLN A 352 10.81 4.75 25.36
N GLN A 353 9.97 3.88 24.78
CA GLN A 353 10.51 2.73 24.04
C GLN A 353 11.20 3.19 22.76
N VAL A 354 10.68 4.24 22.12
CA VAL A 354 11.41 4.85 21.00
C VAL A 354 12.77 5.33 21.46
N VAL A 355 12.84 5.94 22.64
CA VAL A 355 14.11 6.44 23.17
C VAL A 355 15.06 5.29 23.45
N ASN A 356 14.56 4.24 24.10
CA ASN A 356 15.43 3.13 24.51
C ASN A 356 16.05 2.43 23.32
N HIS A 357 15.33 2.34 22.21
CA HIS A 357 15.87 1.73 20.99
C HIS A 357 16.85 2.64 20.26
N GLY A 358 17.19 3.80 20.84
CA GLY A 358 18.17 4.68 20.23
C GLY A 358 17.74 5.27 18.92
N LEU A 359 16.44 5.54 18.75
CA LEU A 359 15.92 6.02 17.48
C LEU A 359 15.85 7.54 17.39
N VAL A 360 16.09 8.26 18.48
CA VAL A 360 16.05 9.71 18.44
C VAL A 360 17.23 10.22 17.64
N PRO A 361 18.45 9.68 17.83
CA PRO A 361 19.55 10.09 16.94
C PRO A 361 19.25 9.86 15.47
N PHE A 362 18.54 8.79 15.14
CA PHE A 362 18.19 8.55 13.74
C PHE A 362 17.19 9.56 13.24
N LEU A 363 16.26 9.99 14.10
CA LEU A 363 15.34 11.05 13.71
C LEU A 363 16.10 12.36 13.49
N VAL A 364 17.09 12.65 14.34
CA VAL A 364 17.92 13.83 14.15
C VAL A 364 18.66 13.74 12.81
N GLY A 365 19.18 12.55 12.48
CA GLY A 365 19.87 12.39 11.23
C GLY A 365 18.97 12.59 10.02
N VAL A 366 17.77 12.01 10.07
CA VAL A 366 16.81 12.21 8.98
C VAL A 366 16.43 13.68 8.86
N LEU A 367 16.26 14.36 9.99
CA LEU A 367 15.95 15.77 9.96
C LEU A 367 17.09 16.60 9.38
N SER A 368 18.33 16.16 9.61
CA SER A 368 19.48 16.93 9.14
C SER A 368 19.71 16.77 7.64
N LYS A 369 19.51 15.57 7.12
CA LYS A 369 19.81 15.29 5.71
C LYS A 369 18.91 14.17 5.23
N ALA A 370 18.06 14.48 4.25
CA ALA A 370 17.16 13.50 3.64
C ALA A 370 16.32 14.24 2.60
N ASP A 371 15.55 13.47 1.84
CA ASP A 371 14.57 14.07 0.93
C ASP A 371 13.61 14.95 1.72
N PHE A 372 13.13 16.02 1.07
CA PHE A 372 12.36 17.02 1.79
C PHE A 372 11.10 16.42 2.41
N LYS A 373 10.44 15.50 1.70
CA LYS A 373 9.22 14.89 2.25
C LYS A 373 9.54 14.06 3.48
N THR A 374 10.65 13.31 3.45
CA THR A 374 11.08 12.58 4.63
C THR A 374 11.41 13.54 5.77
N GLN A 375 12.02 14.69 5.45
CA GLN A 375 12.31 15.67 6.49
C GLN A 375 11.04 16.25 7.08
N LYS A 376 10.00 16.41 6.27
CA LYS A 376 8.72 16.89 6.78
C LYS A 376 8.07 15.86 7.69
N GLU A 377 8.14 14.59 7.32
CA GLU A 377 7.65 13.54 8.20
C GLU A 377 8.43 13.51 9.51
N ALA A 378 9.74 13.76 9.44
CA ALA A 378 10.55 13.80 10.65
C ALA A 378 10.18 14.99 11.53
N ALA A 379 9.88 16.14 10.91
CA ALA A 379 9.41 17.29 11.67
C ALA A 379 8.09 16.97 12.38
N TRP A 380 7.18 16.30 11.68
CA TRP A 380 5.94 15.85 12.32
C TRP A 380 6.23 14.94 13.50
N ALA A 381 7.17 14.00 13.32
CA ALA A 381 7.53 13.09 14.41
C ALA A 381 8.06 13.87 15.62
N ILE A 382 8.91 14.86 15.37
CA ILE A 382 9.47 15.65 16.46
C ILE A 382 8.38 16.43 17.18
N THR A 383 7.44 17.01 16.41
CA THR A 383 6.38 17.79 17.04
C THR A 383 5.47 16.91 17.87
N ASN A 384 5.13 15.71 17.37
CA ASN A 384 4.32 14.80 18.17
C ASN A 384 5.08 14.37 19.43
N TYR A 385 6.37 14.03 19.29
CA TYR A 385 7.20 13.72 20.43
C TYR A 385 7.11 14.80 21.49
N THR A 386 7.34 16.06 21.09
CA THR A 386 7.34 17.15 22.06
C THR A 386 5.97 17.40 22.64
N SER A 387 4.90 17.19 21.87
CA SER A 387 3.56 17.41 22.39
C SER A 387 3.18 16.37 23.42
N GLY A 388 3.61 15.12 23.23
CA GLY A 388 3.20 14.05 24.12
C GLY A 388 4.24 13.62 25.13
N GLY A 389 5.48 14.08 24.96
CA GLY A 389 6.56 13.58 25.78
C GLY A 389 6.68 14.28 27.12
N THR A 390 7.37 13.62 28.05
CA THR A 390 7.66 14.22 29.34
C THR A 390 8.77 15.26 29.20
N VAL A 391 9.01 16.00 30.28
CA VAL A 391 10.09 16.98 30.28
C VAL A 391 11.44 16.29 30.10
N GLU A 392 11.62 15.15 30.76
CA GLU A 392 12.88 14.41 30.62
C GLU A 392 13.10 13.99 29.18
N GLN A 393 12.06 13.48 28.53
CA GLN A 393 12.18 13.06 27.13
C GLN A 393 12.48 14.24 26.23
N ILE A 394 11.88 15.39 26.49
CA ILE A 394 12.10 16.55 25.63
C ILE A 394 13.53 17.07 25.80
N VAL A 395 14.03 17.11 27.04
CA VAL A 395 15.40 17.58 27.23
C VAL A 395 16.38 16.57 26.64
N TYR A 396 16.06 15.28 26.69
CA TYR A 396 16.90 14.29 26.01
C TYR A 396 16.91 14.55 24.50
N LEU A 397 15.75 14.80 23.92
CA LEU A 397 15.68 15.14 22.51
C LEU A 397 16.56 16.33 22.19
N VAL A 398 16.55 17.35 23.06
CA VAL A 398 17.41 18.52 22.84
C VAL A 398 18.88 18.12 22.91
N HIS A 399 19.22 17.27 23.88
CA HIS A 399 20.62 16.85 24.05
C HIS A 399 21.13 16.08 22.84
N CYS A 400 20.23 15.48 22.04
CA CYS A 400 20.66 14.74 20.86
C CYS A 400 20.94 15.65 19.66
N GLY A 401 20.66 16.94 19.77
CA GLY A 401 21.02 17.88 18.71
C GLY A 401 19.91 18.17 17.74
N ILE A 402 18.67 18.32 18.23
CA ILE A 402 17.53 18.53 17.35
C ILE A 402 17.42 19.99 16.93
N ILE A 403 17.93 20.92 17.75
CA ILE A 403 17.67 22.34 17.55
C ILE A 403 18.24 22.80 16.21
N GLU A 404 19.50 22.48 15.93
CA GLU A 404 20.14 22.99 14.72
C GLU A 404 19.45 22.52 13.45
N PRO A 405 19.18 21.23 13.26
CA PRO A 405 18.45 20.83 12.04
C PRO A 405 17.02 21.33 12.01
N LEU A 406 16.33 21.33 13.15
CA LEU A 406 14.97 21.85 13.18
C LEU A 406 14.93 23.31 12.75
N MET A 407 15.99 24.07 13.09
CA MET A 407 16.07 25.46 12.68
C MET A 407 16.45 25.60 11.22
N ASN A 408 17.43 24.81 10.76
CA ASN A 408 17.80 24.83 9.35
C ASN A 408 16.59 24.55 8.46
N LEU A 409 15.66 23.73 8.93
CA LEU A 409 14.47 23.44 8.14
C LEU A 409 13.48 24.60 8.11
N LEU A 410 13.68 25.64 8.91
CA LEU A 410 12.78 26.79 8.87
C LEU A 410 12.97 27.63 7.62
N SER A 411 14.02 27.37 6.83
CA SER A 411 14.22 28.06 5.56
C SER A 411 13.42 27.44 4.42
N ALA A 412 12.58 26.45 4.70
CA ALA A 412 11.81 25.79 3.66
C ALA A 412 10.65 26.68 3.21
N LYS A 413 10.21 26.45 1.98
CA LYS A 413 9.09 27.20 1.42
C LYS A 413 7.74 26.64 1.83
N ASP A 414 7.69 25.37 2.20
CA ASP A 414 6.43 24.75 2.63
C ASP A 414 5.97 25.39 3.94
N THR A 415 4.75 25.92 3.95
CA THR A 415 4.26 26.60 5.14
C THR A 415 3.91 25.62 6.26
N LYS A 416 3.43 24.42 5.90
CA LYS A 416 3.00 23.47 6.91
C LYS A 416 4.19 22.98 7.75
N ILE A 417 5.34 22.76 7.12
CA ILE A 417 6.51 22.35 7.88
C ILE A 417 6.94 23.48 8.81
N ILE A 418 6.78 24.73 8.39
CA ILE A 418 7.10 25.86 9.26
C ILE A 418 6.19 25.85 10.48
N GLN A 419 4.89 25.65 10.26
CA GLN A 419 3.96 25.58 11.38
C GLN A 419 4.33 24.45 12.33
N VAL A 420 4.65 23.27 11.78
CA VAL A 420 5.01 22.12 12.60
C VAL A 420 6.25 22.43 13.43
N ILE A 421 7.27 23.01 12.79
CA ILE A 421 8.52 23.30 13.49
C ILE A 421 8.30 24.34 14.57
N LEU A 422 7.47 25.35 14.31
CA LEU A 422 7.20 26.36 15.32
C LEU A 422 6.44 25.78 16.50
N ASP A 423 5.50 24.88 16.24
CA ASP A 423 4.81 24.20 17.34
C ASP A 423 5.80 23.38 18.17
N ALA A 424 6.70 22.66 17.51
CA ALA A 424 7.70 21.89 18.24
C ALA A 424 8.58 22.79 19.10
N ILE A 425 8.99 23.93 18.54
CA ILE A 425 9.83 24.87 19.29
C ILE A 425 9.08 25.40 20.50
N SER A 426 7.79 25.72 20.34
CA SER A 426 7.01 26.22 21.46
C SER A 426 6.88 25.16 22.55
N ASN A 427 6.69 23.91 22.16
CA ASN A 427 6.60 22.83 23.15
C ASN A 427 7.92 22.67 23.90
N ILE A 428 9.04 22.70 23.18
CA ILE A 428 10.33 22.58 23.83
C ILE A 428 10.55 23.77 24.78
N PHE A 429 10.09 24.95 24.39
CA PHE A 429 10.22 26.12 25.25
C PHE A 429 9.35 25.98 26.50
N GLN A 430 8.17 25.39 26.36
CA GLN A 430 7.34 25.13 27.54
C GLN A 430 8.05 24.19 28.50
N ALA A 431 8.66 23.13 27.96
CA ALA A 431 9.44 22.23 28.82
C ALA A 431 10.56 22.99 29.52
N ALA A 432 11.32 23.79 28.77
CA ALA A 432 12.40 24.57 29.37
C ALA A 432 11.89 25.47 30.48
N GLU A 433 10.75 26.13 30.26
CA GLU A 433 10.13 26.94 31.30
C GLU A 433 9.84 26.09 32.53
N LYS A 434 9.25 24.90 32.33
CA LYS A 434 9.04 24.00 33.45
C LYS A 434 10.33 23.66 34.17
N LEU A 435 11.48 23.78 33.49
CA LEU A 435 12.77 23.56 34.12
C LEU A 435 13.53 24.85 34.45
N GLY A 436 13.05 26.00 34.01
CA GLY A 436 13.77 27.24 34.24
C GLY A 436 15.03 27.40 33.42
N GLU A 437 15.21 26.60 32.38
CA GLU A 437 16.37 26.68 31.50
C GLU A 437 16.04 27.35 30.17
N THR A 438 15.04 28.23 30.17
CA THR A 438 14.59 28.85 28.91
C THR A 438 15.68 29.72 28.31
N GLU A 439 16.51 30.34 29.14
CA GLU A 439 17.58 31.20 28.60
C GLU A 439 18.63 30.37 27.87
N LYS A 440 18.95 29.18 28.39
CA LYS A 440 19.89 28.31 27.71
C LYS A 440 19.36 27.91 26.35
N LEU A 441 18.07 27.54 26.28
CA LEU A 441 17.47 27.21 24.99
C LEU A 441 17.46 28.42 24.06
N SER A 442 17.23 29.62 24.61
CA SER A 442 17.23 30.81 23.78
C SER A 442 18.60 31.05 23.16
N ILE A 443 19.67 30.96 23.96
CA ILE A 443 21.00 31.17 23.42
C ILE A 443 21.36 30.04 22.45
N MET A 444 20.87 28.82 22.71
CA MET A 444 21.13 27.72 21.78
C MET A 444 20.48 27.99 20.43
N ILE A 445 19.24 28.48 20.43
CA ILE A 445 18.57 28.82 19.18
C ILE A 445 19.26 30.00 18.50
N GLU A 446 19.79 30.94 19.28
CA GLU A 446 20.48 32.09 18.70
C GLU A 446 21.81 31.70 18.07
N GLU A 447 22.50 30.71 18.64
CA GLU A 447 23.84 30.37 18.16
C GLU A 447 23.80 29.71 16.80
N CYS A 448 22.75 28.94 16.49
CA CYS A 448 22.64 28.25 15.22
C CYS A 448 21.93 29.08 14.16
N GLY A 449 21.67 30.36 14.43
CA GLY A 449 21.01 31.21 13.46
C GLY A 449 19.51 31.02 13.37
N GLY A 450 18.88 30.60 14.46
CA GLY A 450 17.46 30.34 14.45
C GLY A 450 16.62 31.57 14.74
N LEU A 451 17.11 32.43 15.64
CA LEU A 451 16.36 33.65 15.98
C LEU A 451 16.15 34.51 14.75
N ASP A 452 17.15 34.58 13.88
CA ASP A 452 16.99 35.35 12.64
C ASP A 452 15.87 34.77 11.78
N LYS A 453 15.82 33.45 11.65
CA LYS A 453 14.77 32.81 10.87
C LYS A 453 13.40 33.08 11.48
N ILE A 454 13.30 33.03 12.81
CA ILE A 454 12.01 33.27 13.45
C ILE A 454 11.58 34.72 13.25
N GLU A 455 12.52 35.66 13.40
CA GLU A 455 12.19 37.06 13.18
C GLU A 455 11.75 37.30 11.74
N ALA A 456 12.41 36.63 10.78
CA ALA A 456 11.98 36.75 9.39
C ALA A 456 10.58 36.18 9.21
N LEU A 457 10.27 35.10 9.92
CA LEU A 457 8.93 34.49 9.82
C LEU A 457 7.85 35.38 10.41
N GLN A 458 8.22 36.33 11.29
CA GLN A 458 7.24 37.29 11.77
C GLN A 458 6.56 38.01 10.61
N ARG A 459 7.28 38.18 9.51
CA ARG A 459 6.76 38.84 8.31
C ARG A 459 6.46 37.78 7.25
N HIS A 460 5.48 36.93 7.56
CA HIS A 460 5.09 35.83 6.71
C HIS A 460 3.63 35.97 6.30
N GLU A 461 3.30 35.46 5.12
CA GLU A 461 1.94 35.59 4.60
C GLU A 461 0.93 34.91 5.52
N ASN A 462 1.18 33.65 5.87
CA ASN A 462 0.24 32.91 6.69
C ASN A 462 0.07 33.57 8.05
N GLU A 463 -1.16 33.55 8.56
CA GLU A 463 -1.44 34.18 9.85
C GLU A 463 -0.91 33.35 11.01
N SER A 464 -1.02 32.02 10.93
CA SER A 464 -0.57 31.17 12.01
C SER A 464 0.93 31.29 12.23
N VAL A 465 1.71 31.27 11.15
CA VAL A 465 3.16 31.42 11.27
C VAL A 465 3.50 32.80 11.82
N TYR A 466 2.84 33.84 11.30
CA TYR A 466 3.00 35.19 11.83
C TYR A 466 2.85 35.20 13.34
N LYS A 467 1.71 34.71 13.82
CA LYS A 467 1.41 34.76 15.25
C LYS A 467 2.38 33.91 16.06
N ALA A 468 2.73 32.72 15.56
CA ALA A 468 3.63 31.85 16.30
C ALA A 468 5.01 32.48 16.45
N SER A 469 5.54 33.05 15.38
CA SER A 469 6.84 33.70 15.45
C SER A 469 6.79 34.91 16.39
N LEU A 470 5.76 35.73 16.25
CA LEU A 470 5.62 36.88 17.15
C LEU A 470 5.59 36.43 18.61
N ASN A 471 4.80 35.40 18.91
CA ASN A 471 4.69 34.93 20.29
C ASN A 471 6.02 34.41 20.80
N LEU A 472 6.69 33.57 20.00
CA LEU A 472 7.98 33.04 20.41
C LEU A 472 8.95 34.17 20.74
N ILE A 473 9.06 35.16 19.84
CA ILE A 473 10.05 36.21 20.03
C ILE A 473 9.67 37.08 21.24
N GLU A 474 8.39 37.38 21.41
CA GLU A 474 7.98 38.27 22.49
C GLU A 474 8.06 37.57 23.85
N LYS A 475 7.93 36.24 23.88
CA LYS A 475 7.88 35.52 25.14
C LYS A 475 9.24 34.98 25.56
N TYR A 476 10.15 34.75 24.61
CA TYR A 476 11.45 34.17 24.93
C TYR A 476 12.64 34.93 24.36
N PHE A 477 12.44 35.81 23.38
CA PHE A 477 13.55 36.57 22.80
C PHE A 477 13.27 38.07 22.88
N ARG B 3 -4.62 -2.87 -9.38
CA ARG B 3 -3.89 -2.76 -10.64
C ARG B 3 -4.23 -3.97 -11.52
N LYS B 4 -3.67 -4.00 -12.74
CA LYS B 4 -4.01 -5.02 -13.72
C LYS B 4 -2.73 -5.58 -14.34
N ARG B 5 -2.86 -6.79 -14.88
CA ARG B 5 -1.72 -7.51 -15.46
C ARG B 5 -2.14 -8.12 -16.79
N ARG B 6 -1.34 -7.87 -17.82
CA ARG B 6 -1.56 -8.47 -19.13
C ARG B 6 -0.61 -9.65 -19.31
N ARG B 7 -1.13 -10.76 -19.82
CA ARG B 7 -0.34 -11.96 -20.05
C ARG B 7 0.29 -11.89 -21.44
N HIS B 8 1.62 -11.90 -21.48
CA HIS B 8 2.36 -11.81 -22.74
C HIS B 8 2.77 -13.19 -23.24
N THR C 2 -6.71 13.43 17.82
CA THR C 2 -5.43 12.75 18.01
C THR C 2 -4.36 13.33 17.09
N ARG C 3 -3.11 13.22 17.50
CA ARG C 3 -2.00 13.64 16.65
C ARG C 3 -1.66 12.62 15.57
N LYS C 4 -2.32 11.46 15.58
CA LYS C 4 -2.06 10.44 14.57
C LYS C 4 -2.56 10.93 13.21
N ARG C 5 -1.80 10.60 12.16
CA ARG C 5 -2.08 11.05 10.81
C ARG C 5 -2.13 9.84 9.88
N ARG C 6 -3.30 9.60 9.30
CA ARG C 6 -3.46 8.52 8.33
C ARG C 6 -3.01 9.01 6.94
N ARG C 7 -2.85 8.05 6.04
CA ARG C 7 -2.41 8.36 4.67
C ARG C 7 -3.60 8.85 3.84
#